data_4TY6
#
_entry.id   4TY6
#
_cell.length_a   79.300
_cell.length_b   79.300
_cell.length_c   106.600
_cell.angle_alpha   90.000
_cell.angle_beta   90.000
_cell.angle_gamma   120.000
#
_symmetry.space_group_name_H-M   'P 32 2 1'
#
loop_
_entity.id
_entity.type
_entity.pdbx_description
1 polymer 'Coagulation factor XI'
2 polymer CYS-THR-THR-LYS-ILE-LYS-PRO
3 non-polymer 4-{2-[(1S)-1-({[trans-4-(aminomethyl)cyclohexyl]carbonyl}amino)-2-phenylethyl]-1H-imidazol-4-yl}benzamide
4 non-polymer 'SULFATE ION'
5 non-polymer 1,2-ETHANEDIOL
6 water water
#
loop_
_entity_poly.entity_id
_entity_poly.type
_entity_poly.pdbx_seq_one_letter_code
_entity_poly.pdbx_strand_id
1 'polypeptide(L)'
;IVGGTASVRGEWPWQVTLHTTSPTQRHLCGGSIIGNQWILTAAHCFYGVESPKILRVYSGILNQSEIKEDTSFFGVQEII
IHDQYKMAESGYDIALLKLETTVGYGDSQRPICLPSKGDRNVIYTDCWVTGWGYRKLRDKIQNTLQKAKIPLVTNEECQK
RYRGHKITHKMICAGYREGGKDACKGDSGGPLSCKHNEVWHLVGITSWGEGCAQRERPGVYTNVVEYVDWILEKTQAVHH
HHHH
;
A
2 'polypeptide(L)' MDDDDKMDNECTTKIKPR H
#
# COMPACT_ATOMS: atom_id res chain seq x y z
N ILE A 1 -0.43 -12.19 -0.82
CA ILE A 1 -1.57 -12.14 -1.74
C ILE A 1 -2.09 -13.58 -1.89
N VAL A 2 -3.39 -13.79 -1.67
CA VAL A 2 -4.02 -15.10 -1.85
C VAL A 2 -4.63 -15.13 -3.26
N GLY A 3 -4.46 -16.23 -3.97
CA GLY A 3 -5.08 -16.43 -5.28
C GLY A 3 -4.52 -15.57 -6.41
N GLY A 4 -3.29 -15.09 -6.21
CA GLY A 4 -2.65 -14.26 -7.23
C GLY A 4 -1.63 -15.05 -8.05
N THR A 5 -0.83 -14.33 -8.84
CA THR A 5 0.23 -14.92 -9.67
C THR A 5 1.46 -14.04 -9.58
N ALA A 6 2.62 -14.60 -9.96
CA ALA A 6 3.89 -13.90 -9.95
C ALA A 6 3.79 -12.66 -10.87
N SER A 7 4.34 -11.55 -10.41
CA SER A 7 4.44 -10.36 -11.23
C SER A 7 5.68 -10.52 -12.12
N VAL A 8 5.74 -9.73 -13.18
CA VAL A 8 6.88 -9.69 -14.11
C VAL A 8 7.74 -8.50 -13.61
N ARG A 9 9.06 -8.53 -13.81
CA ARG A 9 9.92 -7.41 -13.40
C ARG A 9 9.47 -6.12 -14.14
N GLY A 10 9.36 -5.02 -13.39
CA GLY A 10 8.95 -3.72 -13.90
C GLY A 10 7.47 -3.52 -14.06
N GLU A 11 6.66 -4.51 -13.68
CA GLU A 11 5.21 -4.42 -13.82
C GLU A 11 4.58 -3.40 -12.83
N TRP A 12 5.12 -3.30 -11.61
CA TRP A 12 4.55 -2.41 -10.58
C TRP A 12 5.71 -1.56 -10.05
N PRO A 13 6.23 -0.63 -10.87
CA PRO A 13 7.49 0.04 -10.50
C PRO A 13 7.38 1.04 -9.34
N TRP A 14 6.16 1.33 -8.89
CA TRP A 14 5.95 2.19 -7.71
C TRP A 14 5.97 1.35 -6.41
N GLN A 15 5.88 0.01 -6.52
CA GLN A 15 5.85 -0.89 -5.36
C GLN A 15 7.20 -0.95 -4.65
N VAL A 16 7.22 -0.77 -3.33
CA VAL A 16 8.45 -0.91 -2.56
C VAL A 16 8.24 -1.95 -1.46
N THR A 17 9.33 -2.50 -0.95
CA THR A 17 9.33 -3.36 0.23
C THR A 17 10.02 -2.55 1.32
N LEU A 18 9.32 -2.36 2.45
CA LEU A 18 9.85 -1.63 3.60
C LEU A 18 10.34 -2.69 4.58
N HIS A 19 11.63 -2.64 4.91
CA HIS A 19 12.21 -3.57 5.86
C HIS A 19 12.50 -2.85 7.15
N THR A 20 12.51 -3.61 8.24
CA THR A 20 12.96 -3.12 9.54
C THR A 20 14.25 -3.92 9.82
N THR A 21 15.25 -3.34 10.51
CA THR A 21 16.48 -4.09 10.86
C THR A 21 16.40 -4.60 12.32
N SER A 22 15.35 -4.24 13.07
CA SER A 22 15.12 -4.62 14.48
C SER A 22 14.05 -5.71 14.68
N PRO A 23 14.37 -6.84 15.37
CA PRO A 23 15.68 -7.23 15.95
C PRO A 23 16.67 -7.68 14.88
N THR A 24 16.16 -8.29 13.78
CA THR A 24 16.91 -8.73 12.60
C THR A 24 16.20 -8.15 11.38
N GLN A 25 16.90 -8.08 10.22
CA GLN A 25 16.28 -7.50 9.04
C GLN A 25 15.21 -8.39 8.42
N ARG A 26 14.02 -7.81 8.18
CA ARG A 26 12.92 -8.54 7.58
C ARG A 26 11.97 -7.57 6.91
N HIS A 27 11.15 -8.06 5.96
CA HIS A 27 10.12 -7.28 5.29
C HIS A 27 9.10 -6.93 6.39
N LEU A 28 8.67 -5.68 6.42
CA LEU A 28 7.69 -5.21 7.38
C LEU A 28 6.36 -4.96 6.69
N CYS A 29 6.38 -4.21 5.57
CA CYS A 29 5.17 -3.73 4.89
CA CYS A 29 5.16 -3.91 4.83
C CYS A 29 5.50 -3.42 3.43
N GLY A 30 4.46 -3.24 2.64
CA GLY A 30 4.59 -2.72 1.28
C GLY A 30 4.47 -1.21 1.38
N GLY A 31 4.69 -0.54 0.25
CA GLY A 31 4.55 0.92 0.14
C GLY A 31 4.55 1.31 -1.31
N SER A 32 4.26 2.59 -1.60
CA SER A 32 4.22 3.06 -2.99
C SER A 32 5.03 4.34 -3.15
N ILE A 33 5.83 4.43 -4.20
CA ILE A 33 6.55 5.67 -4.51
C ILE A 33 5.51 6.66 -5.05
N ILE A 34 5.40 7.85 -4.43
CA ILE A 34 4.47 8.86 -4.95
C ILE A 34 5.20 10.16 -5.36
N GLY A 35 6.46 10.28 -4.98
CA GLY A 35 7.29 11.45 -5.29
C GLY A 35 8.74 11.07 -5.17
N ASN A 36 9.69 11.95 -5.55
CA ASN A 36 11.07 11.47 -5.58
C ASN A 36 11.71 11.32 -4.19
N GLN A 37 11.05 11.76 -3.11
CA GLN A 37 11.56 11.54 -1.75
CA GLN A 37 11.54 11.56 -1.74
C GLN A 37 10.42 11.01 -0.86
N TRP A 38 9.33 10.52 -1.48
CA TRP A 38 8.14 10.12 -0.73
C TRP A 38 7.57 8.74 -1.01
N ILE A 39 7.31 8.00 0.07
CA ILE A 39 6.65 6.69 0.04
C ILE A 39 5.34 6.83 0.79
N LEU A 40 4.25 6.37 0.18
CA LEU A 40 2.95 6.35 0.86
C LEU A 40 2.72 4.90 1.33
N THR A 41 2.34 4.74 2.60
CA THR A 41 2.12 3.41 3.20
C THR A 41 1.06 3.52 4.31
N ALA A 42 0.88 2.44 5.12
CA ALA A 42 -0.13 2.42 6.18
C ALA A 42 0.49 2.84 7.49
N ALA A 43 -0.27 3.57 8.32
CA ALA A 43 0.22 3.98 9.63
C ALA A 43 0.44 2.78 10.59
N HIS A 44 -0.39 1.72 10.51
CA HIS A 44 -0.29 0.58 11.45
C HIS A 44 1.04 -0.18 11.37
N CYS A 45 1.78 -0.02 10.24
CA CYS A 45 3.10 -0.61 9.98
CA CYS A 45 3.03 -0.74 10.11
C CYS A 45 4.09 -0.24 11.08
N PHE A 46 3.94 0.97 11.64
CA PHE A 46 4.90 1.57 12.57
C PHE A 46 4.60 1.34 14.04
N TYR A 47 3.72 0.37 14.35
CA TYR A 47 3.45 0.01 15.75
C TYR A 47 4.76 -0.39 16.41
N GLY A 48 5.12 0.28 17.50
CA GLY A 48 6.36 0.00 18.22
C GLY A 48 7.67 0.41 17.53
N VAL A 49 7.60 1.11 16.36
CA VAL A 49 8.81 1.59 15.65
C VAL A 49 9.12 2.94 16.30
N GLU A 50 10.18 2.98 17.10
CA GLU A 50 10.57 4.17 17.87
C GLU A 50 11.41 5.16 17.09
N SER A 51 12.02 4.73 15.98
CA SER A 51 12.89 5.60 15.19
C SER A 51 12.88 5.24 13.70
N PRO A 52 13.01 6.21 12.78
CA PRO A 52 13.12 5.85 11.35
C PRO A 52 14.48 5.23 11.00
N LYS A 53 15.47 5.25 11.94
CA LYS A 53 16.82 4.71 11.74
C LYS A 53 16.86 3.22 11.47
N ILE A 54 15.83 2.48 11.93
CA ILE A 54 15.77 1.04 11.72
C ILE A 54 15.11 0.65 10.38
N LEU A 55 14.66 1.64 9.60
CA LEU A 55 13.94 1.35 8.35
C LEU A 55 14.80 1.40 7.11
N ARG A 56 14.47 0.55 6.13
CA ARG A 56 15.14 0.53 4.84
C ARG A 56 14.09 0.37 3.78
N VAL A 57 14.09 1.26 2.80
CA VAL A 57 13.15 1.17 1.68
C VAL A 57 13.90 0.61 0.47
N TYR A 58 13.39 -0.51 -0.10
CA TYR A 58 13.98 -1.10 -1.31
C TYR A 58 13.00 -0.93 -2.46
N SER A 59 13.47 -0.29 -3.55
CA SER A 59 12.69 -0.07 -4.75
C SER A 59 13.31 -0.92 -5.88
N GLY A 60 12.55 -1.10 -6.95
CA GLY A 60 12.99 -1.88 -8.11
C GLY A 60 13.23 -3.35 -7.78
N ILE A 61 12.51 -3.88 -6.80
CA ILE A 61 12.66 -5.28 -6.39
C ILE A 61 11.55 -6.10 -6.97
N LEU A 62 11.89 -7.27 -7.54
CA LEU A 62 10.87 -8.23 -7.92
C LEU A 62 10.89 -9.33 -6.83
N ASN A 63 12.08 -9.88 -6.56
CA ASN A 63 12.30 -10.97 -5.62
C ASN A 63 13.01 -10.51 -4.35
N GLN A 64 12.48 -10.90 -3.19
CA GLN A 64 13.11 -10.59 -1.90
C GLN A 64 14.57 -11.12 -1.83
N SER A 65 14.88 -12.22 -2.57
CA SER A 65 16.26 -12.77 -2.61
C SER A 65 17.29 -11.81 -3.26
N GLU A 66 16.80 -10.75 -3.96
CA GLU A 66 17.69 -9.72 -4.54
C GLU A 66 18.32 -8.88 -3.42
N ILE A 67 17.73 -8.94 -2.21
CA ILE A 67 18.20 -8.13 -1.09
C ILE A 67 19.24 -8.87 -0.26
N LYS A 68 20.47 -8.34 -0.24
CA LYS A 68 21.60 -8.82 0.57
C LYS A 68 22.16 -7.60 1.27
N GLU A 69 23.20 -7.77 2.11
CA GLU A 69 23.86 -6.67 2.82
C GLU A 69 24.40 -5.59 1.87
N ASP A 70 24.82 -5.99 0.65
CA ASP A 70 25.41 -5.06 -0.34
C ASP A 70 24.35 -4.39 -1.27
N THR A 71 23.04 -4.69 -1.07
CA THR A 71 21.98 -4.14 -1.92
C THR A 71 21.68 -2.71 -1.51
N SER A 72 21.61 -1.78 -2.49
CA SER A 72 21.34 -0.38 -2.15
C SER A 72 19.89 -0.23 -1.65
N PHE A 73 19.66 0.77 -0.80
CA PHE A 73 18.33 1.03 -0.26
C PHE A 73 18.24 2.53 0.03
N PHE A 74 17.03 3.01 0.37
CA PHE A 74 16.79 4.38 0.78
C PHE A 74 16.57 4.38 2.28
N GLY A 75 17.28 5.27 2.95
CA GLY A 75 17.10 5.51 4.37
C GLY A 75 15.85 6.38 4.54
N VAL A 76 15.25 6.36 5.71
CA VAL A 76 14.07 7.14 6.04
C VAL A 76 14.46 8.27 6.99
N GLN A 77 14.21 9.50 6.58
CA GLN A 77 14.49 10.70 7.36
C GLN A 77 13.36 10.96 8.37
N GLU A 78 12.12 10.70 7.97
CA GLU A 78 10.97 11.01 8.80
C GLU A 78 9.81 10.09 8.48
N ILE A 79 9.07 9.70 9.52
CA ILE A 79 7.82 8.94 9.45
C ILE A 79 6.71 9.96 9.81
N ILE A 80 5.77 10.18 8.90
CA ILE A 80 4.68 11.12 9.13
C ILE A 80 3.40 10.30 9.20
N ILE A 81 2.85 10.15 10.39
CA ILE A 81 1.60 9.40 10.58
C ILE A 81 0.46 10.40 10.70
N HIS A 82 -0.68 10.10 10.07
CA HIS A 82 -1.87 10.99 10.16
C HIS A 82 -2.19 11.21 11.66
N ASP A 83 -2.39 12.47 12.08
CA ASP A 83 -2.57 12.68 13.53
CA ASP A 83 -2.70 12.85 13.47
C ASP A 83 -3.95 12.23 14.06
N GLN A 84 -4.88 11.82 13.21
CA GLN A 84 -6.14 11.27 13.70
C GLN A 84 -6.07 9.72 13.80
N TYR A 85 -4.96 9.14 13.38
CA TYR A 85 -4.80 7.68 13.42
C TYR A 85 -4.75 7.13 14.83
N LYS A 86 -5.58 6.13 15.11
CA LYS A 86 -5.58 5.39 16.37
C LYS A 86 -5.28 3.89 16.05
N MET A 87 -5.99 3.32 15.07
CA MET A 87 -5.80 1.91 14.69
C MET A 87 -6.37 1.69 13.32
N ALA A 88 -5.89 0.66 12.60
CA ALA A 88 -6.34 0.40 11.21
C ALA A 88 -7.86 0.32 11.10
N GLU A 89 -8.53 -0.40 12.02
CA GLU A 89 -9.99 -0.60 11.94
C GLU A 89 -10.81 0.66 12.10
N SER A 90 -10.22 1.74 12.63
CA SER A 90 -10.89 3.03 12.81
C SER A 90 -10.56 4.07 11.73
N GLY A 91 -9.71 3.70 10.77
CA GLY A 91 -9.39 4.60 9.66
C GLY A 91 -8.21 5.48 9.91
N TYR A 92 -8.01 6.49 9.02
CA TYR A 92 -6.84 7.37 9.00
C TYR A 92 -5.55 6.53 8.92
N ASP A 93 -5.64 5.31 8.33
CA ASP A 93 -4.48 4.40 8.28
C ASP A 93 -3.59 4.77 7.08
N ILE A 94 -2.80 5.83 7.30
CA ILE A 94 -1.99 6.42 6.24
C ILE A 94 -0.78 7.10 6.84
N ALA A 95 0.35 6.89 6.19
CA ALA A 95 1.61 7.44 6.62
C ALA A 95 2.46 7.77 5.40
N LEU A 96 3.34 8.75 5.56
CA LEU A 96 4.34 9.11 4.56
C LEU A 96 5.70 8.85 5.14
N LEU A 97 6.61 8.35 4.30
CA LEU A 97 8.02 8.20 4.65
C LEU A 97 8.74 9.22 3.79
N LYS A 98 9.46 10.13 4.43
CA LYS A 98 10.30 11.08 3.72
C LYS A 98 11.68 10.41 3.64
N LEU A 99 12.17 10.19 2.43
CA LEU A 99 13.45 9.50 2.23
C LEU A 99 14.64 10.46 2.43
N GLU A 100 15.79 9.89 2.84
CA GLU A 100 17.04 10.65 3.07
C GLU A 100 17.67 11.10 1.76
N THR A 101 17.48 10.33 0.68
CA THR A 101 17.97 10.67 -0.66
C THR A 101 16.83 10.57 -1.64
N THR A 102 17.05 11.09 -2.84
CA THR A 102 16.11 11.17 -3.94
C THR A 102 16.12 9.88 -4.80
N VAL A 103 14.93 9.38 -5.14
CA VAL A 103 14.76 8.22 -6.01
C VAL A 103 15.01 8.69 -7.45
N GLY A 104 15.93 8.03 -8.15
CA GLY A 104 16.14 8.32 -9.57
C GLY A 104 15.13 7.49 -10.34
N TYR A 105 14.26 8.14 -11.10
CA TYR A 105 13.22 7.42 -11.85
C TYR A 105 13.78 6.72 -13.09
N GLY A 106 13.19 5.59 -13.43
CA GLY A 106 13.58 4.82 -14.60
C GLY A 106 12.58 3.72 -14.82
N ASP A 107 12.87 2.81 -15.74
CA ASP A 107 11.98 1.70 -16.07
C ASP A 107 11.78 0.71 -14.88
N SER A 108 12.69 0.71 -13.87
CA SER A 108 12.50 -0.19 -12.71
C SER A 108 11.81 0.45 -11.49
N GLN A 109 11.77 1.78 -11.43
CA GLN A 109 11.22 2.50 -10.27
C GLN A 109 10.75 3.86 -10.69
N ARG A 110 9.46 4.12 -10.47
CA ARG A 110 8.86 5.40 -10.81
C ARG A 110 7.59 5.59 -9.97
N PRO A 111 7.04 6.81 -9.91
CA PRO A 111 5.87 7.02 -9.05
C PRO A 111 4.54 6.67 -9.70
N ILE A 112 3.56 6.39 -8.86
CA ILE A 112 2.20 6.16 -9.32
C ILE A 112 1.44 7.48 -9.05
N CYS A 113 0.52 7.85 -9.97
CA CYS A 113 -0.31 9.06 -9.84
C CYS A 113 -1.27 8.89 -8.69
N LEU A 114 -1.51 9.97 -7.96
CA LEU A 114 -2.54 9.94 -6.94
C LEU A 114 -3.87 10.15 -7.66
N PRO A 115 -5.03 9.75 -7.07
CA PRO A 115 -6.31 10.02 -7.73
C PRO A 115 -6.59 11.52 -7.80
N SER A 116 -7.46 11.92 -8.73
CA SER A 116 -7.89 13.31 -8.86
C SER A 116 -9.20 13.46 -8.07
N LYS A 117 -9.40 14.62 -7.42
CA LYS A 117 -10.61 14.95 -6.65
C LYS A 117 -11.86 14.89 -7.54
N GLY A 118 -11.69 15.23 -8.81
CA GLY A 118 -12.72 15.17 -9.83
C GLY A 118 -13.11 13.74 -10.15
N ASP A 119 -12.14 12.81 -10.04
CA ASP A 119 -12.31 11.37 -10.29
C ASP A 119 -12.87 10.60 -9.06
N ARG A 120 -13.47 11.31 -8.09
CA ARG A 120 -14.10 10.67 -6.91
C ARG A 120 -15.39 9.94 -7.35
N ASN A 121 -15.94 10.33 -8.53
CA ASN A 121 -17.15 9.78 -9.13
C ASN A 121 -16.87 8.68 -10.19
N VAL A 122 -15.60 8.54 -10.65
CA VAL A 122 -15.26 7.53 -11.68
C VAL A 122 -15.35 6.10 -11.10
N ILE A 123 -15.75 5.15 -11.97
CA ILE A 123 -15.92 3.74 -11.59
C ILE A 123 -14.71 2.97 -12.10
N TYR A 124 -13.85 2.52 -11.17
CA TYR A 124 -12.65 1.77 -11.53
C TYR A 124 -13.03 0.30 -11.67
N THR A 125 -12.66 -0.31 -12.81
CA THR A 125 -12.98 -1.73 -13.08
C THR A 125 -11.73 -2.57 -13.34
N ASP A 126 -10.54 -1.96 -13.27
CA ASP A 126 -9.30 -2.68 -13.50
C ASP A 126 -8.33 -2.37 -12.32
N CYS A 127 -8.60 -2.99 -11.16
CA CYS A 127 -7.90 -2.79 -9.89
C CYS A 127 -7.13 -4.01 -9.48
N TRP A 128 -5.88 -3.79 -9.05
CA TRP A 128 -4.97 -4.87 -8.69
C TRP A 128 -4.32 -4.61 -7.34
N VAL A 129 -4.19 -5.68 -6.55
CA VAL A 129 -3.49 -5.62 -5.26
C VAL A 129 -2.19 -6.41 -5.41
N THR A 130 -1.09 -5.87 -4.86
CA THR A 130 0.23 -6.47 -5.02
C THR A 130 0.96 -6.51 -3.70
N GLY A 131 1.88 -7.47 -3.59
CA GLY A 131 2.70 -7.58 -2.38
C GLY A 131 3.42 -8.90 -2.25
N TRP A 132 4.28 -9.00 -1.23
CA TRP A 132 5.05 -10.22 -0.93
C TRP A 132 4.42 -10.97 0.26
N GLY A 133 3.15 -10.69 0.55
CA GLY A 133 2.48 -11.27 1.71
C GLY A 133 2.18 -12.75 1.54
N TYR A 134 1.62 -13.34 2.59
CA TYR A 134 1.26 -14.76 2.64
C TYR A 134 0.29 -15.11 1.52
N ARG A 135 0.31 -16.37 1.08
CA ARG A 135 -0.61 -16.88 0.05
C ARG A 135 -1.75 -17.66 0.68
N LYS A 136 -1.72 -17.80 2.01
CA LYS A 136 -2.72 -18.52 2.80
C LYS A 136 -2.53 -18.07 4.25
N LEU A 137 -3.53 -18.29 5.10
CA LEU A 137 -3.52 -17.80 6.48
C LEU A 137 -2.22 -18.11 7.25
N ARG A 138 -1.73 -19.35 7.19
CA ARG A 138 -0.50 -19.74 7.88
C ARG A 138 0.53 -20.01 6.80
N ASP A 139 1.40 -19.01 6.56
CA ASP A 139 2.38 -19.08 5.49
C ASP A 139 3.60 -18.27 5.86
N LYS A 140 4.34 -17.80 4.87
CA LYS A 140 5.51 -16.98 5.07
C LYS A 140 5.55 -15.95 3.95
N ILE A 141 6.31 -14.89 4.14
CA ILE A 141 6.55 -13.85 3.13
C ILE A 141 7.06 -14.53 1.85
N GLN A 142 6.50 -14.17 0.71
CA GLN A 142 6.83 -14.73 -0.59
C GLN A 142 8.07 -14.09 -1.18
N ASN A 143 8.83 -14.87 -1.95
CA ASN A 143 10.04 -14.34 -2.59
C ASN A 143 9.62 -13.39 -3.73
N THR A 144 8.74 -13.86 -4.63
CA THR A 144 8.30 -13.10 -5.79
C THR A 144 7.08 -12.25 -5.53
N LEU A 145 7.15 -10.97 -5.94
CA LEU A 145 6.01 -10.05 -5.82
C LEU A 145 4.79 -10.65 -6.53
N GLN A 146 3.67 -10.77 -5.82
CA GLN A 146 2.43 -11.33 -6.36
C GLN A 146 1.45 -10.23 -6.70
N LYS A 147 0.52 -10.54 -7.61
CA LYS A 147 -0.55 -9.65 -8.04
C LYS A 147 -1.87 -10.42 -8.11
N ALA A 148 -2.99 -9.71 -7.89
CA ALA A 148 -4.33 -10.25 -8.03
C ALA A 148 -5.26 -9.14 -8.45
N LYS A 149 -6.13 -9.42 -9.42
CA LYS A 149 -7.12 -8.44 -9.85
C LYS A 149 -8.34 -8.66 -8.95
N ILE A 150 -8.82 -7.59 -8.35
CA ILE A 150 -9.96 -7.67 -7.40
C ILE A 150 -10.96 -6.57 -7.69
N PRO A 151 -12.29 -6.84 -7.66
CA PRO A 151 -13.24 -5.76 -7.92
C PRO A 151 -13.50 -4.89 -6.70
N LEU A 152 -13.75 -3.60 -6.92
CA LEU A 152 -14.14 -2.71 -5.82
C LEU A 152 -15.56 -3.03 -5.41
N VAL A 153 -15.86 -2.84 -4.14
CA VAL A 153 -17.16 -3.13 -3.53
C VAL A 153 -17.69 -1.79 -3.02
N THR A 154 -19.02 -1.53 -3.08
CA THR A 154 -19.51 -0.25 -2.56
C THR A 154 -19.35 -0.21 -1.03
N ASN A 155 -19.33 0.98 -0.44
CA ASN A 155 -19.29 1.16 1.02
C ASN A 155 -20.49 0.44 1.68
N GLU A 156 -21.70 0.56 1.06
CA GLU A 156 -22.93 -0.07 1.55
C GLU A 156 -22.79 -1.59 1.63
N GLU A 157 -22.25 -2.20 0.58
CA GLU A 157 -22.04 -3.63 0.52
C GLU A 157 -20.93 -4.02 1.52
N CYS A 158 -19.85 -3.23 1.61
CA CYS A 158 -18.78 -3.54 2.57
C CYS A 158 -19.29 -3.49 4.01
N GLN A 159 -20.12 -2.50 4.33
CA GLN A 159 -20.70 -2.37 5.68
C GLN A 159 -21.52 -3.61 6.09
N LYS A 160 -22.31 -4.19 5.14
CA LYS A 160 -23.08 -5.43 5.41
C LYS A 160 -22.15 -6.58 5.78
N ARG A 161 -20.94 -6.60 5.20
CA ARG A 161 -19.95 -7.66 5.41
C ARG A 161 -19.19 -7.49 6.71
N TYR A 162 -19.26 -6.29 7.32
CA TYR A 162 -18.53 -5.97 8.55
C TYR A 162 -19.46 -5.43 9.64
N ARG A 163 -20.42 -6.25 10.05
CA ARG A 163 -21.33 -5.92 11.14
C ARG A 163 -20.49 -5.71 12.41
N GLY A 164 -20.77 -4.65 13.14
CA GLY A 164 -20.00 -4.34 14.35
C GLY A 164 -18.84 -3.40 14.11
N HIS A 165 -18.47 -3.16 12.83
CA HIS A 165 -17.43 -2.18 12.49
C HIS A 165 -18.11 -1.01 11.83
N LYS A 166 -17.42 0.10 11.76
CA LYS A 166 -17.93 1.24 11.05
C LYS A 166 -17.06 1.40 9.81
N ILE A 167 -17.60 1.07 8.63
CA ILE A 167 -16.89 1.26 7.37
C ILE A 167 -17.18 2.70 6.93
N THR A 168 -16.18 3.58 7.00
CA THR A 168 -16.33 5.01 6.68
C THR A 168 -16.12 5.30 5.21
N HIS A 169 -16.45 6.53 4.75
CA HIS A 169 -16.19 6.84 3.34
C HIS A 169 -14.69 7.12 3.08
N LYS A 170 -13.86 7.17 4.16
CA LYS A 170 -12.40 7.28 4.02
C LYS A 170 -11.77 5.87 3.86
N MET A 171 -12.62 4.84 3.78
CA MET A 171 -12.21 3.45 3.51
C MET A 171 -12.83 3.01 2.19
N ILE A 172 -12.18 2.06 1.53
CA ILE A 172 -12.67 1.47 0.30
C ILE A 172 -12.41 -0.02 0.37
N CYS A 173 -13.38 -0.84 -0.05
CA CYS A 173 -13.27 -2.28 0.04
C CYS A 173 -13.17 -2.90 -1.31
N ALA A 174 -12.55 -4.08 -1.34
CA ALA A 174 -12.38 -4.81 -2.60
C ALA A 174 -12.32 -6.29 -2.31
N GLY A 175 -13.01 -7.07 -3.12
CA GLY A 175 -13.02 -8.52 -2.96
C GLY A 175 -14.20 -9.14 -3.67
N TYR A 176 -14.13 -10.46 -3.90
CA TYR A 176 -15.19 -11.24 -4.55
C TYR A 176 -16.13 -11.74 -3.47
N ARG A 177 -17.43 -11.75 -3.74
CA ARG A 177 -18.41 -12.26 -2.76
C ARG A 177 -18.03 -13.67 -2.28
N GLU A 178 -17.52 -14.51 -3.19
CA GLU A 178 -17.15 -15.89 -2.93
C GLU A 178 -15.76 -16.05 -2.32
N GLY A 179 -15.02 -14.94 -2.17
CA GLY A 179 -13.65 -14.95 -1.66
C GLY A 179 -12.69 -15.46 -2.70
N GLY A 180 -11.53 -15.94 -2.27
CA GLY A 180 -10.55 -16.52 -3.18
C GLY A 180 -9.35 -15.67 -3.58
N LYS A 181 -9.54 -14.34 -3.70
CA LYS A 181 -8.44 -13.42 -4.08
C LYS A 181 -8.45 -12.23 -3.14
N ASP A 182 -7.31 -11.94 -2.50
CA ASP A 182 -7.27 -10.84 -1.51
C ASP A 182 -5.83 -10.60 -1.11
N ALA A 183 -5.61 -9.52 -0.39
CA ALA A 183 -4.36 -9.24 0.26
C ALA A 183 -4.32 -10.16 1.50
N CYS A 184 -3.13 -10.46 1.98
CA CYS A 184 -2.99 -11.25 3.20
CA CYS A 184 -2.92 -11.31 3.15
C CYS A 184 -1.79 -10.72 4.02
N LYS A 185 -1.45 -11.37 5.14
CA LYS A 185 -0.38 -10.91 6.05
C LYS A 185 0.93 -10.58 5.33
N GLY A 186 1.42 -9.35 5.53
CA GLY A 186 2.64 -8.85 4.89
C GLY A 186 2.36 -8.00 3.65
N ASP A 187 1.10 -7.89 3.24
CA ASP A 187 0.77 -7.05 2.08
C ASP A 187 0.40 -5.64 2.50
N SER A 188 0.11 -5.42 3.80
CA SER A 188 -0.34 -4.11 4.28
C SER A 188 0.62 -3.00 3.93
N GLY A 189 0.05 -1.82 3.67
CA GLY A 189 0.83 -0.65 3.28
C GLY A 189 1.03 -0.54 1.78
N GLY A 190 0.92 -1.68 1.09
CA GLY A 190 1.10 -1.73 -0.35
C GLY A 190 -0.07 -1.09 -1.09
N PRO A 191 0.06 -0.96 -2.43
CA PRO A 191 -0.99 -0.28 -3.21
C PRO A 191 -2.16 -1.16 -3.66
N LEU A 192 -3.31 -0.51 -3.88
CA LEU A 192 -4.44 -1.02 -4.62
C LEU A 192 -4.40 -0.06 -5.81
N SER A 193 -3.84 -0.55 -6.94
CA SER A 193 -3.59 0.28 -8.14
C SER A 193 -4.67 0.01 -9.18
N CYS A 194 -5.30 1.07 -9.71
CA CYS A 194 -6.40 0.93 -10.68
C CYS A 194 -6.05 1.67 -11.98
N LYS A 195 -6.23 0.99 -13.12
CA LYS A 195 -5.91 1.58 -14.43
C LYS A 195 -7.16 2.21 -15.01
N HIS A 196 -7.12 3.51 -15.32
CA HIS A 196 -8.23 4.28 -15.88
C HIS A 196 -7.66 5.24 -16.94
N ASN A 197 -8.20 5.16 -18.18
CA ASN A 197 -7.78 5.98 -19.34
C ASN A 197 -6.27 5.81 -19.57
N GLU A 198 -5.79 4.53 -19.55
CA GLU A 198 -4.41 4.09 -19.75
C GLU A 198 -3.40 4.60 -18.68
N VAL A 199 -3.88 5.17 -17.56
CA VAL A 199 -3.01 5.70 -16.48
C VAL A 199 -3.33 4.92 -15.19
N TRP A 200 -2.30 4.55 -14.44
CA TRP A 200 -2.48 3.85 -13.15
C TRP A 200 -2.66 4.89 -12.06
N HIS A 201 -3.60 4.65 -11.13
CA HIS A 201 -3.84 5.57 -10.01
C HIS A 201 -3.80 4.80 -8.73
N LEU A 202 -3.22 5.40 -7.68
CA LEU A 202 -3.16 4.77 -6.36
C LEU A 202 -4.50 5.01 -5.66
N VAL A 203 -5.40 4.04 -5.76
CA VAL A 203 -6.76 4.15 -5.25
C VAL A 203 -6.85 3.79 -3.77
N GLY A 204 -6.11 2.75 -3.38
CA GLY A 204 -6.13 2.35 -1.99
C GLY A 204 -4.80 1.97 -1.41
N ILE A 205 -4.75 1.91 -0.06
CA ILE A 205 -3.59 1.39 0.64
C ILE A 205 -4.10 0.17 1.43
N THR A 206 -3.45 -0.97 1.26
CA THR A 206 -3.86 -2.21 1.96
C THR A 206 -3.84 -1.99 3.47
N SER A 207 -4.99 -2.21 4.16
CA SER A 207 -5.11 -1.83 5.54
C SER A 207 -5.48 -2.98 6.46
N TRP A 208 -6.70 -3.52 6.35
CA TRP A 208 -7.11 -4.60 7.27
C TRP A 208 -8.24 -5.44 6.64
N GLY A 209 -8.64 -6.50 7.33
CA GLY A 209 -9.76 -7.33 6.91
C GLY A 209 -9.95 -8.46 7.90
N GLU A 210 -11.08 -9.18 7.81
CA GLU A 210 -11.28 -10.33 8.69
C GLU A 210 -10.73 -11.55 7.94
N GLY A 211 -9.59 -12.05 8.36
CA GLY A 211 -8.90 -13.16 7.70
C GLY A 211 -8.40 -12.75 6.32
N CYS A 212 -8.18 -13.72 5.42
CA CYS A 212 -7.69 -13.45 4.05
CA CYS A 212 -7.73 -13.40 4.06
C CYS A 212 -8.50 -14.22 3.03
N ALA A 213 -9.06 -13.52 2.06
CA ALA A 213 -9.83 -14.10 0.94
C ALA A 213 -11.00 -14.96 1.37
N GLN A 214 -11.60 -14.66 2.54
CA GLN A 214 -12.78 -15.43 2.96
C GLN A 214 -14.00 -14.91 2.21
N ARG A 215 -14.99 -15.79 2.02
CA ARG A 215 -16.28 -15.44 1.41
C ARG A 215 -16.89 -14.30 2.24
N GLU A 216 -17.47 -13.31 1.55
CA GLU A 216 -18.18 -12.18 2.14
C GLU A 216 -17.34 -11.37 3.17
N ARG A 217 -16.01 -11.36 3.00
CA ARG A 217 -15.11 -10.58 3.86
C ARG A 217 -14.10 -9.86 2.95
N PRO A 218 -14.51 -8.78 2.27
CA PRO A 218 -13.55 -8.09 1.40
C PRO A 218 -12.42 -7.41 2.18
N GLY A 219 -11.30 -7.17 1.52
CA GLY A 219 -10.17 -6.46 2.11
C GLY A 219 -10.60 -5.01 2.26
N VAL A 220 -10.13 -4.34 3.31
CA VAL A 220 -10.47 -2.92 3.57
C VAL A 220 -9.20 -2.12 3.33
N TYR A 221 -9.34 -1.01 2.59
CA TYR A 221 -8.21 -0.21 2.18
C TYR A 221 -8.41 1.24 2.57
N THR A 222 -7.31 1.98 2.79
CA THR A 222 -7.46 3.42 3.00
C THR A 222 -7.86 4.02 1.64
N ASN A 223 -8.92 4.83 1.60
CA ASN A 223 -9.44 5.44 0.35
C ASN A 223 -8.60 6.69 0.04
N VAL A 224 -7.55 6.50 -0.79
CA VAL A 224 -6.52 7.54 -1.03
C VAL A 224 -7.09 8.90 -1.52
N VAL A 225 -8.11 8.87 -2.36
CA VAL A 225 -8.71 10.13 -2.88
C VAL A 225 -9.13 11.09 -1.74
N GLU A 226 -9.61 10.53 -0.60
CA GLU A 226 -10.02 11.31 0.58
C GLU A 226 -8.85 11.91 1.35
N TYR A 227 -7.60 11.59 0.96
CA TYR A 227 -6.40 12.08 1.64
C TYR A 227 -5.47 12.86 0.73
N VAL A 228 -5.88 13.18 -0.51
CA VAL A 228 -5.02 13.93 -1.42
C VAL A 228 -4.59 15.28 -0.81
N ASP A 229 -5.53 16.01 -0.18
CA ASP A 229 -5.14 17.30 0.45
C ASP A 229 -4.19 17.09 1.62
N TRP A 230 -4.37 16.00 2.39
CA TRP A 230 -3.44 15.72 3.51
C TRP A 230 -2.03 15.40 2.96
N ILE A 231 -1.96 14.60 1.88
CA ILE A 231 -0.66 14.26 1.28
C ILE A 231 0.06 15.53 0.79
N LEU A 232 -0.68 16.41 0.06
CA LEU A 232 -0.11 17.66 -0.45
C LEU A 232 0.31 18.57 0.68
N GLU A 233 -0.46 18.63 1.78
CA GLU A 233 -0.08 19.42 2.96
C GLU A 233 1.31 18.99 3.48
N LYS A 234 1.51 17.69 3.55
CA LYS A 234 2.75 17.12 4.09
C LYS A 234 3.91 17.16 3.13
N THR A 235 3.66 16.96 1.81
CA THR A 235 4.72 16.89 0.81
C THR A 235 5.06 18.24 0.15
N GLN A 236 4.10 19.21 0.14
CA GLN A 236 4.28 20.52 -0.51
C GLN A 236 4.44 21.63 0.52
N ALA A 237 4.77 21.30 1.78
CA ALA A 237 4.94 22.30 2.85
C ALA A 237 6.01 23.34 2.45
N VAL A 238 5.74 24.63 2.72
CA VAL A 238 6.66 25.74 2.39
C VAL A 238 7.93 25.72 3.25
N CYS B 11 0.81 12.81 -14.27
CA CYS B 11 -0.15 12.91 -13.17
C CYS B 11 -0.72 14.32 -13.04
N THR B 12 -2.07 14.43 -12.90
CA THR B 12 -2.80 15.70 -12.68
C THR B 12 -2.41 16.25 -11.30
N THR B 13 -2.35 15.37 -10.27
CA THR B 13 -1.92 15.73 -8.91
C THR B 13 -0.39 15.77 -8.95
N LYS B 14 0.20 16.95 -8.73
CA LYS B 14 1.65 17.12 -8.79
C LYS B 14 2.32 17.08 -7.41
N ILE B 15 3.36 16.24 -7.27
CA ILE B 15 4.17 16.10 -6.06
C ILE B 15 5.52 16.79 -6.35
N LYS B 16 5.81 17.86 -5.59
CA LYS B 16 7.00 18.71 -5.70
C LYS B 16 8.32 17.94 -5.47
N PRO B 17 9.32 18.09 -6.38
CA PRO B 17 10.61 17.42 -6.18
C PRO B 17 11.52 18.22 -5.26
#